data_4UTH
#
_entry.id   4UTH
#
_cell.length_a   57.477
_cell.length_b   83.218
_cell.length_c   156.162
_cell.angle_alpha   90.00
_cell.angle_beta   90.00
_cell.angle_gamma   90.00
#
_symmetry.space_group_name_H-M   'I 2 2 2'
#
loop_
_entity.id
_entity.type
_entity.pdbx_description
1 polymer 'NADH:flavin oxidoreductase'
2 non-polymer 'FLAVIN MONONUCLEOTIDE'
3 non-polymer 'SULFATE ION'
4 water water
#
_entity_poly.entity_id   1
_entity_poly.type   'polypeptide(L)'
_entity_poly.pdbx_seq_one_letter_code
;GHMSALFEPYTLKDVTLRNRIAIPPMCQYMAEDGMINDWHHVHLAGLARGGAGLLVVEATAVAPEGRITPGCAGIWSDAH
AQAFVPVVQAIKAAGSVPGIQIAHAGRKASANRPWEGDDHIAADDTRGWETIAPSAIAFGAHLPKVPREMTLDDIARVKQ
DFVDAARRARDAGFEWIELHFAHGFLGQSFFSEHSNKRTDAYGGSFDNRSRFLLETLAAVREVWPENLPLTARFGVLEYD
GRDEQTLEESIELARRFKAGGLDLLSVSVGFTIPDTNIPWGPAFMGPIAERVRREAKLPVTSAWGFGTPQLAEAALQANQ
LDLVSVGRAHLADPHWAYFAAKELGVEKASWTLPAPYAHWLERYR
;
_entity_poly.pdbx_strand_id   A
#
loop_
_chem_comp.id
_chem_comp.type
_chem_comp.name
_chem_comp.formula
FMN non-polymer 'FLAVIN MONONUCLEOTIDE' 'C17 H21 N4 O9 P'
SO4 non-polymer 'SULFATE ION' 'O4 S -2'
#
# COMPACT_ATOMS: atom_id res chain seq x y z
N SER A 4 -11.63 2.50 24.24
CA SER A 4 -10.38 2.67 23.52
CA SER A 4 -10.38 2.61 23.51
C SER A 4 -10.61 3.17 22.12
N ALA A 5 -9.74 4.07 21.68
CA ALA A 5 -9.82 4.60 20.32
C ALA A 5 -9.50 3.52 19.28
N LEU A 6 -8.56 2.64 19.61
CA LEU A 6 -8.16 1.60 18.69
C LEU A 6 -9.30 0.68 18.31
N PHE A 7 -10.29 0.53 19.20
CA PHE A 7 -11.39 -0.39 18.94
C PHE A 7 -12.70 0.31 18.64
N GLU A 8 -12.63 1.58 18.25
CA GLU A 8 -13.78 2.28 17.72
CA GLU A 8 -13.78 2.28 17.73
C GLU A 8 -13.95 1.96 16.25
N PRO A 9 -15.20 1.73 15.81
CA PRO A 9 -15.39 1.49 14.38
C PRO A 9 -15.04 2.71 13.54
N TYR A 10 -14.87 2.48 12.24
CA TYR A 10 -14.55 3.55 11.29
C TYR A 10 -15.37 3.36 10.03
N THR A 11 -16.06 4.41 9.59
CA THR A 11 -16.82 4.34 8.35
C THR A 11 -16.22 5.25 7.31
N LEU A 12 -15.99 4.70 6.13
CA LEU A 12 -15.48 5.43 5.00
C LEU A 12 -16.31 5.01 3.80
N LYS A 13 -16.94 5.97 3.14
CA LYS A 13 -17.94 5.71 2.12
CA LYS A 13 -17.94 5.70 2.12
C LYS A 13 -18.94 4.69 2.71
N ASP A 14 -19.20 3.58 2.01
CA ASP A 14 -20.21 2.61 2.50
C ASP A 14 -19.63 1.49 3.34
N VAL A 15 -18.34 1.60 3.67
CA VAL A 15 -17.64 0.51 4.33
C VAL A 15 -17.39 0.88 5.78
N THR A 16 -17.76 -0.02 6.69
CA THR A 16 -17.51 0.16 8.12
C THR A 16 -16.53 -0.91 8.61
N LEU A 17 -15.42 -0.43 9.16
CA LEU A 17 -14.43 -1.28 9.79
CA LEU A 17 -14.41 -1.26 9.79
C LEU A 17 -14.78 -1.43 11.25
N ARG A 18 -14.65 -2.64 11.78
CA ARG A 18 -15.06 -2.89 13.16
C ARG A 18 -14.11 -2.27 14.20
N ASN A 19 -12.91 -1.88 13.78
CA ASN A 19 -11.97 -1.20 14.66
C ASN A 19 -10.98 -0.44 13.78
N ARG A 20 -9.99 0.20 14.40
CA ARG A 20 -9.03 1.03 13.67
C ARG A 20 -7.73 0.32 13.35
N ILE A 21 -7.71 -1.01 13.50
CA ILE A 21 -6.53 -1.79 13.19
C ILE A 21 -6.59 -2.20 11.74
N ALA A 22 -5.59 -1.76 10.98
CA ALA A 22 -5.42 -2.15 9.59
C ALA A 22 -4.18 -3.00 9.47
N ILE A 23 -4.30 -4.09 8.73
CA ILE A 23 -3.14 -4.89 8.37
C ILE A 23 -2.70 -4.39 7.00
N PRO A 24 -1.51 -3.74 6.93
CA PRO A 24 -1.06 -3.16 5.68
C PRO A 24 -0.61 -4.25 4.72
N PRO A 25 -0.48 -3.91 3.44
CA PRO A 25 -0.03 -4.89 2.47
C PRO A 25 1.34 -5.42 2.84
N MET A 26 1.47 -6.75 2.82
CA MET A 26 2.75 -7.39 3.10
C MET A 26 2.99 -8.55 2.13
N CYS A 27 3.85 -8.29 1.16
CA CYS A 27 4.30 -9.31 0.22
C CYS A 27 4.72 -10.59 0.91
N GLN A 28 4.27 -11.71 0.33
CA GLN A 28 4.55 -13.04 0.84
C GLN A 28 5.55 -13.80 -0.03
N TYR A 29 5.72 -13.39 -1.28
CA TYR A 29 6.69 -13.97 -2.19
C TYR A 29 6.43 -15.46 -2.45
N MET A 30 5.15 -15.84 -2.42
CA MET A 30 4.74 -17.26 -2.51
C MET A 30 3.86 -17.56 -3.73
N ALA A 31 3.60 -16.57 -4.57
CA ALA A 31 2.82 -16.77 -5.79
C ALA A 31 3.69 -17.37 -6.91
N GLU A 32 3.02 -17.97 -7.89
CA GLU A 32 3.70 -18.56 -9.04
C GLU A 32 3.08 -17.99 -10.29
N ASP A 33 3.91 -17.32 -11.09
CA ASP A 33 3.43 -16.62 -12.27
CA ASP A 33 3.47 -16.57 -12.26
C ASP A 33 2.26 -15.70 -11.90
N GLY A 34 2.36 -15.06 -10.75
CA GLY A 34 1.34 -14.16 -10.25
C GLY A 34 0.15 -14.80 -9.57
N MET A 35 0.00 -16.11 -9.69
CA MET A 35 -1.16 -16.79 -9.15
C MET A 35 -0.98 -17.07 -7.68
N ILE A 36 -1.92 -16.60 -6.87
CA ILE A 36 -1.87 -16.91 -5.45
C ILE A 36 -2.37 -18.34 -5.23
N ASN A 37 -2.20 -18.85 -4.03
CA ASN A 37 -2.45 -20.25 -3.75
C ASN A 37 -2.83 -20.42 -2.27
N ASP A 38 -2.76 -21.63 -1.76
CA ASP A 38 -3.22 -21.86 -0.40
C ASP A 38 -2.31 -21.23 0.66
N TRP A 39 -1.08 -20.84 0.27
CA TRP A 39 -0.28 -20.01 1.18
C TRP A 39 -1.09 -18.78 1.57
N HIS A 40 -1.49 -18.04 0.53
CA HIS A 40 -2.18 -16.77 0.72
C HIS A 40 -3.55 -16.96 1.32
N HIS A 41 -4.25 -18.02 0.90
CA HIS A 41 -5.58 -18.24 1.42
C HIS A 41 -5.54 -18.38 2.94
N VAL A 42 -4.67 -19.26 3.41
CA VAL A 42 -4.63 -19.51 4.86
C VAL A 42 -4.06 -18.31 5.62
N HIS A 43 -3.01 -17.71 5.06
CA HIS A 43 -2.40 -16.52 5.67
C HIS A 43 -3.45 -15.40 5.89
N LEU A 44 -4.17 -15.08 4.82
CA LEU A 44 -5.12 -13.97 4.87
C LEU A 44 -6.38 -14.29 5.65
N ALA A 45 -6.92 -15.51 5.48
CA ALA A 45 -8.09 -15.85 6.27
C ALA A 45 -7.76 -15.88 7.77
N GLY A 46 -6.57 -16.39 8.10
CA GLY A 46 -6.11 -16.44 9.49
C GLY A 46 -5.98 -15.06 10.08
N LEU A 47 -5.39 -14.14 9.30
CA LEU A 47 -5.32 -12.76 9.76
C LEU A 47 -6.70 -12.13 9.95
N ALA A 48 -7.60 -12.36 9.01
CA ALA A 48 -8.92 -11.78 9.15
C ALA A 48 -9.62 -12.25 10.40
N ARG A 49 -9.44 -13.54 10.72
CA ARG A 49 -10.04 -14.07 11.95
C ARG A 49 -9.42 -13.52 13.23
N GLY A 50 -8.20 -12.98 13.13
CA GLY A 50 -7.49 -12.41 14.27
C GLY A 50 -8.11 -11.14 14.83
N GLY A 51 -8.98 -10.49 14.07
CA GLY A 51 -9.77 -9.39 14.60
C GLY A 51 -9.59 -8.01 13.96
N ALA A 52 -8.58 -7.84 13.11
CA ALA A 52 -8.35 -6.54 12.50
C ALA A 52 -9.54 -6.12 11.67
N GLY A 53 -9.82 -4.83 11.66
CA GLY A 53 -10.95 -4.31 10.92
C GLY A 53 -10.75 -4.31 9.42
N LEU A 54 -9.52 -4.15 8.98
CA LEU A 54 -9.16 -4.05 7.57
C LEU A 54 -7.94 -4.89 7.30
N LEU A 55 -8.01 -5.69 6.25
CA LEU A 55 -6.90 -6.50 5.79
C LEU A 55 -6.59 -6.16 4.34
N VAL A 56 -5.45 -5.54 4.09
CA VAL A 56 -5.07 -5.16 2.73
C VAL A 56 -4.08 -6.19 2.19
N VAL A 57 -4.50 -6.89 1.15
CA VAL A 57 -3.65 -7.84 0.44
C VAL A 57 -2.41 -7.14 -0.10
N GLU A 58 -1.29 -7.85 -0.02
CA GLU A 58 0.02 -7.46 -0.52
C GLU A 58 0.02 -6.84 -1.91
N ALA A 59 1.07 -6.07 -2.18
CA ALA A 59 1.31 -5.51 -3.52
C ALA A 59 1.07 -6.55 -4.59
N THR A 60 0.06 -6.30 -5.41
CA THR A 60 -0.36 -7.24 -6.43
C THR A 60 -0.15 -6.56 -7.79
N ALA A 61 0.72 -7.15 -8.60
CA ALA A 61 1.20 -6.50 -9.83
C ALA A 61 0.11 -6.37 -10.88
N VAL A 62 0.02 -5.18 -11.48
CA VAL A 62 -0.94 -4.94 -12.55
C VAL A 62 -0.45 -5.50 -13.91
N ALA A 63 0.82 -5.91 -13.96
CA ALA A 63 1.46 -6.41 -15.17
C ALA A 63 2.62 -7.29 -14.74
N PRO A 64 2.97 -8.31 -15.56
CA PRO A 64 4.03 -9.23 -15.11
C PRO A 64 5.34 -8.54 -14.75
N GLU A 65 5.73 -7.54 -15.53
CA GLU A 65 7.01 -6.88 -15.33
C GLU A 65 6.94 -5.93 -14.13
N GLY A 66 5.75 -5.72 -13.58
CA GLY A 66 5.56 -4.88 -12.41
C GLY A 66 5.61 -5.63 -11.09
N ARG A 67 5.78 -6.94 -11.14
CA ARG A 67 6.11 -7.68 -9.93
C ARG A 67 7.44 -7.20 -9.36
N ILE A 68 7.61 -7.23 -8.05
CA ILE A 68 8.94 -7.04 -7.50
C ILE A 68 9.82 -8.24 -7.79
N THR A 69 9.25 -9.43 -7.60
CA THR A 69 9.99 -10.70 -7.61
C THR A 69 9.20 -11.79 -8.35
N PRO A 70 9.86 -12.92 -8.63
CA PRO A 70 9.13 -14.06 -9.23
C PRO A 70 8.07 -14.66 -8.31
N GLY A 71 8.08 -14.29 -7.04
CA GLY A 71 7.07 -14.79 -6.11
C GLY A 71 5.90 -13.84 -5.87
N CYS A 72 5.87 -12.69 -6.56
CA CYS A 72 4.84 -11.71 -6.30
C CYS A 72 3.49 -12.07 -6.91
N ALA A 73 2.42 -11.71 -6.19
CA ALA A 73 1.07 -11.84 -6.69
C ALA A 73 0.81 -10.90 -7.86
N GLY A 74 -0.10 -11.31 -8.72
CA GLY A 74 -0.51 -10.51 -9.86
C GLY A 74 -2.01 -10.54 -10.05
N ILE A 75 -2.50 -9.55 -10.80
CA ILE A 75 -3.91 -9.47 -11.12
C ILE A 75 -4.04 -8.95 -12.56
N TRP A 76 -3.12 -9.40 -13.40
CA TRP A 76 -3.03 -8.90 -14.77
C TRP A 76 -3.83 -9.72 -15.79
N SER A 77 -4.63 -10.67 -15.30
CA SER A 77 -5.58 -11.40 -16.15
C SER A 77 -6.79 -11.75 -15.31
N ASP A 78 -7.88 -12.11 -15.95
CA ASP A 78 -9.07 -12.48 -15.20
C ASP A 78 -8.83 -13.78 -14.39
N ALA A 79 -8.00 -14.69 -14.89
CA ALA A 79 -7.69 -15.92 -14.14
C ALA A 79 -6.98 -15.57 -12.84
N HIS A 80 -6.08 -14.58 -12.88
CA HIS A 80 -5.42 -14.11 -11.66
C HIS A 80 -6.42 -13.56 -10.67
N ALA A 81 -7.37 -12.77 -11.17
CA ALA A 81 -8.36 -12.14 -10.31
C ALA A 81 -9.26 -13.18 -9.68
N GLN A 82 -9.66 -14.16 -10.46
CA GLN A 82 -10.55 -15.19 -9.96
C GLN A 82 -9.92 -15.98 -8.80
N ALA A 83 -8.60 -16.11 -8.79
CA ALA A 83 -7.91 -16.81 -7.71
C ALA A 83 -8.14 -16.09 -6.37
N PHE A 84 -8.41 -14.79 -6.38
CA PHE A 84 -8.68 -14.06 -5.14
C PHE A 84 -10.07 -14.27 -4.59
N VAL A 85 -11.03 -14.73 -5.39
CA VAL A 85 -12.42 -14.73 -4.93
C VAL A 85 -12.61 -15.55 -3.63
N PRO A 86 -12.08 -16.78 -3.55
CA PRO A 86 -12.31 -17.51 -2.30
C PRO A 86 -11.65 -16.86 -1.07
N VAL A 87 -10.54 -16.17 -1.30
CA VAL A 87 -9.85 -15.51 -0.18
C VAL A 87 -10.66 -14.30 0.28
N VAL A 88 -11.14 -13.53 -0.67
CA VAL A 88 -12.02 -12.41 -0.35
C VAL A 88 -13.22 -12.90 0.46
N GLN A 89 -13.83 -13.99 -0.03
CA GLN A 89 -15.00 -14.52 0.64
C GLN A 89 -14.64 -14.98 2.07
N ALA A 90 -13.46 -15.58 2.26
CA ALA A 90 -13.03 -15.99 3.60
C ALA A 90 -12.77 -14.78 4.52
N ILE A 91 -12.19 -13.71 3.98
CA ILE A 91 -11.94 -12.52 4.78
C ILE A 91 -13.26 -11.92 5.22
N LYS A 92 -14.20 -11.83 4.29
CA LYS A 92 -15.54 -11.33 4.65
C LYS A 92 -16.23 -12.20 5.67
N ALA A 93 -16.13 -13.52 5.52
CA ALA A 93 -16.78 -14.43 6.48
C ALA A 93 -16.29 -14.17 7.90
N ALA A 94 -15.04 -13.75 8.02
CA ALA A 94 -14.43 -13.48 9.32
C ALA A 94 -14.76 -12.09 9.86
N GLY A 95 -15.49 -11.27 9.10
CA GLY A 95 -15.89 -9.95 9.57
C GLY A 95 -14.87 -8.84 9.35
N SER A 96 -13.79 -9.13 8.63
CA SER A 96 -12.81 -8.11 8.26
C SER A 96 -13.16 -7.58 6.89
N VAL A 97 -12.67 -6.39 6.58
CA VAL A 97 -12.90 -5.80 5.27
C VAL A 97 -11.73 -6.16 4.35
N PRO A 98 -12.01 -6.77 3.20
CA PRO A 98 -10.93 -7.15 2.30
C PRO A 98 -10.51 -6.00 1.41
N GLY A 99 -9.22 -5.68 1.48
CA GLY A 99 -8.64 -4.69 0.59
C GLY A 99 -7.53 -5.28 -0.24
N ILE A 100 -7.11 -4.55 -1.27
CA ILE A 100 -5.94 -4.98 -2.03
C ILE A 100 -5.13 -3.79 -2.50
N GLN A 101 -3.82 -3.95 -2.47
CA GLN A 101 -2.89 -2.95 -2.99
C GLN A 101 -2.47 -3.36 -4.39
N ILE A 102 -2.76 -2.52 -5.39
CA ILE A 102 -2.34 -2.84 -6.76
C ILE A 102 -1.14 -1.98 -7.09
N ALA A 103 -0.22 -2.58 -7.81
CA ALA A 103 1.16 -2.12 -7.80
C ALA A 103 1.90 -2.33 -9.13
N HIS A 104 2.96 -1.56 -9.30
CA HIS A 104 3.92 -1.80 -10.35
C HIS A 104 5.29 -1.38 -9.84
N ALA A 105 6.22 -2.34 -9.77
CA ALA A 105 7.50 -2.12 -9.09
C ALA A 105 8.50 -1.25 -9.89
N GLY A 106 8.21 -0.95 -11.14
CA GLY A 106 9.10 -0.05 -11.85
C GLY A 106 10.55 -0.53 -11.87
N ARG A 107 11.48 0.37 -11.55
CA ARG A 107 12.89 0.03 -11.68
C ARG A 107 13.37 -0.92 -10.57
N LYS A 108 12.55 -1.11 -9.55
CA LYS A 108 12.88 -2.04 -8.47
C LYS A 108 12.32 -3.45 -8.71
N ALA A 109 11.79 -3.68 -9.91
CA ALA A 109 11.28 -5.00 -10.29
C ALA A 109 12.41 -5.96 -10.66
N SER A 110 12.04 -7.21 -10.93
CA SER A 110 12.95 -8.26 -11.35
C SER A 110 14.06 -8.49 -10.31
N ALA A 111 13.64 -8.55 -9.05
CA ALA A 111 14.53 -8.78 -7.91
C ALA A 111 14.28 -10.15 -7.29
N ASN A 112 15.29 -10.66 -6.60
CA ASN A 112 15.16 -11.87 -5.81
C ASN A 112 14.29 -11.66 -4.59
N ARG A 113 13.69 -12.76 -4.12
CA ARG A 113 13.00 -12.73 -2.84
C ARG A 113 13.95 -12.24 -1.75
N PRO A 114 13.41 -11.61 -0.70
CA PRO A 114 14.30 -11.02 0.32
C PRO A 114 15.24 -12.01 1.02
N TRP A 115 14.81 -13.26 1.16
CA TRP A 115 15.67 -14.30 1.76
C TRP A 115 16.45 -15.10 0.71
N GLU A 116 16.44 -14.62 -0.54
CA GLU A 116 17.17 -15.26 -1.63
C GLU A 116 18.08 -14.24 -2.32
N GLY A 117 18.56 -13.27 -1.53
CA GLY A 117 19.53 -12.28 -2.02
C GLY A 117 19.02 -10.85 -2.01
N ASP A 118 17.71 -10.67 -2.21
CA ASP A 118 17.06 -9.36 -2.11
C ASP A 118 17.56 -8.37 -3.16
N ASP A 119 18.25 -8.86 -4.18
CA ASP A 119 18.94 -8.02 -5.14
C ASP A 119 18.42 -8.23 -6.56
N HIS A 120 18.80 -7.38 -7.51
CA HIS A 120 18.34 -7.62 -8.87
C HIS A 120 18.80 -8.99 -9.35
N ILE A 121 17.91 -9.65 -10.06
CA ILE A 121 18.17 -10.96 -10.61
C ILE A 121 19.27 -10.87 -11.65
N ALA A 122 20.22 -11.82 -11.61
CA ALA A 122 21.36 -11.83 -12.50
C ALA A 122 20.91 -11.94 -13.95
N ALA A 123 21.73 -11.43 -14.86
CA ALA A 123 21.35 -11.30 -16.27
C ALA A 123 21.04 -12.63 -16.96
N ASP A 124 21.68 -13.71 -16.51
CA ASP A 124 21.53 -15.01 -17.16
C ASP A 124 20.56 -15.95 -16.44
N ASP A 125 19.94 -15.43 -15.39
CA ASP A 125 18.94 -16.18 -14.64
C ASP A 125 17.62 -16.11 -15.42
N THR A 126 17.06 -17.26 -15.78
CA THR A 126 15.88 -17.29 -16.67
C THR A 126 14.63 -16.70 -16.04
N ARG A 127 14.71 -16.33 -14.78
CA ARG A 127 13.56 -15.79 -14.10
C ARG A 127 13.40 -14.28 -14.30
N GLY A 128 14.48 -13.62 -14.71
CA GLY A 128 14.52 -12.17 -14.75
C GLY A 128 13.85 -11.54 -15.93
N TRP A 129 13.68 -10.23 -15.86
CA TRP A 129 13.05 -9.51 -16.95
C TRP A 129 13.49 -8.07 -16.95
N GLU A 130 13.27 -7.43 -18.09
CA GLU A 130 13.56 -6.02 -18.22
C GLU A 130 12.56 -5.16 -17.45
N THR A 131 13.09 -4.22 -16.71
CA THR A 131 12.30 -3.29 -15.93
C THR A 131 12.01 -2.03 -16.72
N ILE A 132 10.96 -1.33 -16.33
CA ILE A 132 10.60 -0.06 -16.97
C ILE A 132 10.46 1.02 -15.90
N ALA A 133 10.65 2.26 -16.33
CA ALA A 133 10.69 3.40 -15.41
C ALA A 133 10.52 4.70 -16.20
N PRO A 134 10.31 5.82 -15.49
N PRO A 134 10.30 5.82 -15.50
CA PRO A 134 10.24 7.12 -16.17
CA PRO A 134 10.20 7.08 -16.25
C PRO A 134 11.49 7.42 -16.98
C PRO A 134 11.49 7.44 -16.99
N SER A 135 12.65 7.08 -16.41
CA SER A 135 13.94 7.41 -17.01
C SER A 135 14.89 6.23 -16.83
N ALA A 136 15.85 6.12 -17.75
CA ALA A 136 16.82 5.04 -17.73
C ALA A 136 17.94 5.32 -16.73
N ILE A 137 17.59 5.21 -15.46
CA ILE A 137 18.51 5.44 -14.35
CA ILE A 137 18.54 5.41 -14.37
C ILE A 137 18.32 4.35 -13.31
N ALA A 138 19.39 3.69 -12.92
CA ALA A 138 19.31 2.65 -11.89
C ALA A 138 19.16 3.24 -10.49
N PHE A 139 18.42 2.52 -9.67
CA PHE A 139 18.36 2.77 -8.23
C PHE A 139 19.77 2.76 -7.62
N GLY A 140 20.57 1.77 -7.99
CA GLY A 140 21.91 1.60 -7.45
C GLY A 140 21.96 0.54 -6.37
N ALA A 141 23.07 0.52 -5.64
CA ALA A 141 23.27 -0.43 -4.56
C ALA A 141 22.92 -1.85 -5.03
N HIS A 142 21.98 -2.50 -4.36
CA HIS A 142 21.64 -3.88 -4.65
C HIS A 142 20.65 -4.03 -5.81
N LEU A 143 20.25 -2.89 -6.38
CA LEU A 143 19.35 -2.86 -7.52
C LEU A 143 20.01 -2.06 -8.65
N PRO A 144 21.08 -2.62 -9.22
CA PRO A 144 21.88 -1.91 -10.22
C PRO A 144 21.30 -1.91 -11.64
N LYS A 145 20.27 -2.69 -11.92
CA LYS A 145 19.79 -2.77 -13.29
C LYS A 145 19.24 -1.44 -13.79
N VAL A 146 19.67 -1.03 -14.98
CA VAL A 146 19.14 0.17 -15.59
C VAL A 146 17.80 -0.15 -16.27
N PRO A 147 16.71 0.53 -15.86
CA PRO A 147 15.40 0.29 -16.48
C PRO A 147 15.33 0.88 -17.87
N ARG A 148 14.38 0.37 -18.65
CA ARG A 148 14.04 0.97 -19.93
C ARG A 148 13.17 2.20 -19.71
N GLU A 149 13.49 3.29 -20.40
CA GLU A 149 12.68 4.50 -20.37
C GLU A 149 11.35 4.29 -21.05
N MET A 150 10.26 4.56 -20.35
CA MET A 150 8.93 4.33 -20.89
C MET A 150 8.61 5.27 -22.04
N THR A 151 7.98 4.73 -23.07
CA THR A 151 7.34 5.54 -24.11
C THR A 151 5.96 6.05 -23.64
N LEU A 152 5.41 7.00 -24.38
CA LEU A 152 4.05 7.46 -24.09
C LEU A 152 3.05 6.29 -24.20
N ASP A 153 3.27 5.38 -25.14
CA ASP A 153 2.40 4.22 -25.27
CA ASP A 153 2.39 4.24 -25.27
C ASP A 153 2.53 3.32 -24.04
N ASP A 154 3.75 3.17 -23.53
CA ASP A 154 3.95 2.43 -22.27
C ASP A 154 3.16 3.05 -21.12
N ILE A 155 3.18 4.38 -21.04
CA ILE A 155 2.45 5.06 -19.99
C ILE A 155 0.95 4.80 -20.14
N ALA A 156 0.44 4.93 -21.36
CA ALA A 156 -0.96 4.59 -21.61
C ALA A 156 -1.30 3.15 -21.21
N ARG A 157 -0.41 2.23 -21.59
CA ARG A 157 -0.62 0.82 -21.31
C ARG A 157 -0.63 0.54 -19.80
N VAL A 158 0.34 1.09 -19.07
CA VAL A 158 0.39 0.84 -17.63
C VAL A 158 -0.82 1.47 -16.94
N LYS A 159 -1.22 2.67 -17.36
CA LYS A 159 -2.45 3.21 -16.79
C LYS A 159 -3.62 2.26 -17.03
N GLN A 160 -3.75 1.76 -18.26
CA GLN A 160 -4.82 0.82 -18.53
C GLN A 160 -4.71 -0.47 -17.70
N ASP A 161 -3.48 -0.91 -17.43
CA ASP A 161 -3.26 -2.07 -16.56
C ASP A 161 -3.76 -1.79 -15.15
N PHE A 162 -3.51 -0.57 -14.64
CA PHE A 162 -4.08 -0.21 -13.32
C PHE A 162 -5.61 -0.21 -13.37
N VAL A 163 -6.19 0.34 -14.44
CA VAL A 163 -7.64 0.32 -14.58
C VAL A 163 -8.20 -1.12 -14.58
N ASP A 164 -7.60 -1.99 -15.40
CA ASP A 164 -8.04 -3.38 -15.49
C ASP A 164 -7.88 -4.09 -14.14
N ALA A 165 -6.76 -3.83 -13.46
CA ALA A 165 -6.54 -4.40 -12.13
C ALA A 165 -7.63 -3.95 -11.16
N ALA A 166 -7.97 -2.66 -11.19
CA ALA A 166 -9.02 -2.16 -10.29
C ALA A 166 -10.39 -2.78 -10.60
N ARG A 167 -10.70 -2.88 -11.89
N ARG A 167 -10.71 -2.89 -11.88
CA ARG A 167 -11.92 -3.55 -12.34
CA ARG A 167 -11.94 -3.54 -12.29
C ARG A 167 -11.98 -4.99 -11.83
C ARG A 167 -11.99 -5.00 -11.83
N ARG A 168 -10.86 -5.70 -11.99
CA ARG A 168 -10.76 -7.07 -11.54
C ARG A 168 -10.90 -7.17 -10.02
N ALA A 169 -10.26 -6.25 -9.30
CA ALA A 169 -10.37 -6.25 -7.85
C ALA A 169 -11.81 -6.02 -7.42
N ARG A 170 -12.48 -5.08 -8.08
CA ARG A 170 -13.89 -4.83 -7.84
C ARG A 170 -14.71 -6.10 -8.03
N ASP A 171 -14.52 -6.73 -9.17
CA ASP A 171 -15.34 -7.89 -9.51
C ASP A 171 -14.97 -9.12 -8.69
N ALA A 172 -13.77 -9.18 -8.11
CA ALA A 172 -13.42 -10.25 -7.17
C ALA A 172 -14.02 -10.04 -5.78
N GLY A 173 -14.58 -8.86 -5.53
CA GLY A 173 -15.29 -8.58 -4.29
C GLY A 173 -14.54 -7.76 -3.26
N PHE A 174 -13.38 -7.24 -3.63
CA PHE A 174 -12.65 -6.37 -2.72
C PHE A 174 -13.48 -5.12 -2.42
N GLU A 175 -13.39 -4.64 -1.19
CA GLU A 175 -14.17 -3.49 -0.73
C GLU A 175 -13.34 -2.24 -0.46
N TRP A 176 -12.07 -2.31 -0.82
CA TRP A 176 -11.08 -1.30 -0.46
C TRP A 176 -9.91 -1.48 -1.41
N ILE A 177 -9.47 -0.41 -2.07
CA ILE A 177 -8.34 -0.52 -2.97
C ILE A 177 -7.29 0.49 -2.61
N GLU A 178 -6.05 0.09 -2.77
CA GLU A 178 -4.91 0.98 -2.53
C GLU A 178 -3.96 0.98 -3.72
N LEU A 179 -3.75 2.15 -4.30
CA LEU A 179 -2.78 2.32 -5.37
C LEU A 179 -1.40 2.47 -4.77
N HIS A 180 -0.47 1.61 -5.18
CA HIS A 180 0.86 1.64 -4.62
C HIS A 180 1.74 2.67 -5.30
N PHE A 181 1.68 3.90 -4.82
CA PHE A 181 2.48 4.99 -5.33
C PHE A 181 3.65 5.32 -4.37
N ALA A 182 4.11 4.33 -3.62
CA ALA A 182 5.17 4.56 -2.63
C ALA A 182 6.38 3.66 -2.88
N HIS A 183 7.39 3.81 -2.03
CA HIS A 183 8.48 2.84 -1.85
C HIS A 183 9.35 2.67 -3.10
N GLY A 184 9.41 3.73 -3.90
CA GLY A 184 10.39 3.80 -4.97
C GLY A 184 10.00 3.06 -6.22
N PHE A 185 8.78 2.54 -6.19
CA PHE A 185 8.23 1.77 -7.31
C PHE A 185 7.73 2.74 -8.38
N LEU A 186 6.97 2.27 -9.37
CA LEU A 186 6.79 3.08 -10.57
C LEU A 186 6.19 4.47 -10.29
N GLY A 187 5.07 4.51 -9.58
CA GLY A 187 4.43 5.78 -9.25
C GLY A 187 5.32 6.77 -8.51
N GLN A 188 5.92 6.28 -7.43
CA GLN A 188 6.83 7.11 -6.65
C GLN A 188 7.93 7.65 -7.56
N SER A 189 8.45 6.79 -8.43
CA SER A 189 9.57 7.20 -9.27
C SER A 189 9.17 8.22 -10.34
N PHE A 190 7.91 8.22 -10.77
CA PHE A 190 7.45 9.34 -11.60
C PHE A 190 7.41 10.64 -10.80
N PHE A 191 6.96 10.57 -9.55
CA PHE A 191 6.94 11.83 -8.76
C PHE A 191 8.33 12.42 -8.47
N SER A 192 9.32 11.60 -8.13
CA SER A 192 10.59 12.09 -7.65
C SER A 192 11.52 12.59 -8.72
N GLU A 193 12.08 13.78 -8.50
CA GLU A 193 13.09 14.31 -9.39
C GLU A 193 14.36 13.46 -9.41
N HIS A 194 14.59 12.62 -8.40
CA HIS A 194 15.77 11.75 -8.42
C HIS A 194 15.72 10.77 -9.59
N SER A 195 14.53 10.25 -9.86
CA SER A 195 14.34 9.15 -10.80
C SER A 195 13.69 9.59 -12.09
N ASN A 196 12.99 10.73 -12.06
CA ASN A 196 12.31 11.23 -13.25
C ASN A 196 13.04 12.40 -13.85
N LYS A 197 13.70 12.13 -14.97
CA LYS A 197 14.43 13.15 -15.72
C LYS A 197 13.76 13.41 -17.09
N ARG A 198 12.48 13.06 -17.21
CA ARG A 198 11.78 13.23 -18.47
C ARG A 198 11.59 14.69 -18.82
N THR A 199 11.51 14.97 -20.11
CA THR A 199 11.29 16.34 -20.59
C THR A 199 10.01 16.44 -21.42
N ASP A 200 9.16 15.42 -21.35
CA ASP A 200 7.85 15.49 -21.99
C ASP A 200 6.82 15.85 -20.93
N ALA A 201 5.55 15.56 -21.20
CA ALA A 201 4.48 15.96 -20.29
C ALA A 201 4.54 15.26 -18.94
N TYR A 202 5.38 14.23 -18.80
CA TYR A 202 5.39 13.42 -17.59
C TYR A 202 6.64 13.65 -16.75
N GLY A 203 7.43 14.68 -17.07
CA GLY A 203 8.48 15.10 -16.17
C GLY A 203 8.80 16.58 -16.25
N GLY A 204 9.59 17.13 -15.31
N GLY A 204 9.68 16.97 -15.33
CA GLY A 204 10.15 18.48 -15.47
CA GLY A 204 10.15 18.33 -15.16
C GLY A 204 9.48 19.69 -14.81
C GLY A 204 9.41 18.94 -13.99
N SER A 205 8.26 19.51 -14.31
CA SER A 205 7.57 20.40 -13.40
C SER A 205 6.85 19.54 -12.37
N PHE A 206 6.36 20.16 -11.30
CA PHE A 206 5.51 19.46 -10.33
C PHE A 206 4.26 18.87 -11.01
N ASP A 207 3.60 19.66 -11.84
CA ASP A 207 2.42 19.17 -12.56
C ASP A 207 2.75 17.97 -13.43
N ASN A 208 3.89 18.02 -14.12
CA ASN A 208 4.26 16.94 -15.02
C ASN A 208 4.65 15.69 -14.25
N ARG A 209 5.41 15.84 -13.17
CA ARG A 209 5.80 14.69 -12.37
C ARG A 209 4.60 14.08 -11.67
N SER A 210 3.62 14.89 -11.33
CA SER A 210 2.40 14.39 -10.70
C SER A 210 1.50 13.69 -11.69
N ARG A 211 1.69 13.95 -12.98
CA ARG A 211 0.69 13.62 -13.98
C ARG A 211 0.40 12.12 -14.06
N PHE A 212 1.43 11.27 -14.04
CA PHE A 212 1.17 9.83 -14.11
C PHE A 212 0.28 9.37 -12.95
N LEU A 213 0.56 9.88 -11.77
CA LEU A 213 -0.16 9.47 -10.56
C LEU A 213 -1.61 9.95 -10.61
N LEU A 214 -1.80 11.22 -10.98
CA LEU A 214 -3.15 11.79 -11.04
C LEU A 214 -3.98 11.18 -12.17
N GLU A 215 -3.36 10.97 -13.32
CA GLU A 215 -4.08 10.32 -14.43
C GLU A 215 -4.43 8.89 -14.09
N THR A 216 -3.53 8.17 -13.43
CA THR A 216 -3.84 6.79 -13.03
C THR A 216 -4.98 6.79 -12.01
N LEU A 217 -4.93 7.68 -11.02
CA LEU A 217 -6.03 7.78 -10.06
C LEU A 217 -7.36 8.06 -10.77
N ALA A 218 -7.36 9.02 -11.68
CA ALA A 218 -8.60 9.37 -12.38
C ALA A 218 -9.10 8.20 -13.23
N ALA A 219 -8.19 7.49 -13.88
CA ALA A 219 -8.61 6.37 -14.71
C ALA A 219 -9.21 5.23 -13.86
N VAL A 220 -8.55 4.94 -12.74
CA VAL A 220 -9.06 3.95 -11.81
C VAL A 220 -10.41 4.36 -11.25
N ARG A 221 -10.56 5.65 -10.94
CA ARG A 221 -11.82 6.15 -10.39
C ARG A 221 -13.04 5.86 -11.29
N GLU A 222 -12.80 5.79 -12.60
N GLU A 222 -12.79 5.74 -12.60
CA GLU A 222 -13.89 5.50 -13.52
CA GLU A 222 -13.85 5.48 -13.58
C GLU A 222 -14.50 4.13 -13.26
C GLU A 222 -14.42 4.06 -13.54
N VAL A 223 -13.69 3.13 -12.93
CA VAL A 223 -14.18 1.76 -12.79
C VAL A 223 -14.37 1.34 -11.33
N TRP A 224 -13.73 2.03 -10.39
CA TRP A 224 -13.83 1.66 -8.99
C TRP A 224 -15.10 2.27 -8.40
N PRO A 225 -15.93 1.48 -7.71
CA PRO A 225 -17.20 2.03 -7.22
C PRO A 225 -17.06 3.24 -6.30
N GLU A 226 -17.92 4.24 -6.47
N GLU A 226 -17.93 4.21 -6.52
CA GLU A 226 -17.78 5.44 -5.66
CA GLU A 226 -17.97 5.44 -5.73
C GLU A 226 -18.08 5.14 -4.19
C GLU A 226 -18.12 5.15 -4.24
N ASN A 227 -18.84 4.08 -3.92
CA ASN A 227 -19.22 3.76 -2.54
C ASN A 227 -18.21 2.89 -1.78
N LEU A 228 -17.07 2.61 -2.40
CA LEU A 228 -16.00 1.82 -1.77
C LEU A 228 -14.74 2.68 -1.66
N PRO A 229 -14.06 2.66 -0.51
CA PRO A 229 -12.87 3.49 -0.36
C PRO A 229 -11.82 3.28 -1.45
N LEU A 230 -11.37 4.42 -1.96
CA LEU A 230 -10.33 4.54 -2.96
C LEU A 230 -9.14 5.18 -2.29
N THR A 231 -8.04 4.45 -2.16
CA THR A 231 -6.92 4.93 -1.38
C THR A 231 -5.62 4.77 -2.15
N ALA A 232 -4.56 5.32 -1.59
CA ALA A 232 -3.24 5.20 -2.18
C ALA A 232 -2.20 5.23 -1.09
N ARG A 233 -1.05 4.61 -1.37
CA ARG A 233 0.12 4.73 -0.50
C ARG A 233 1.10 5.62 -1.25
N PHE A 234 1.72 6.57 -0.54
CA PHE A 234 2.62 7.52 -1.17
C PHE A 234 3.71 7.90 -0.20
N GLY A 235 4.95 7.90 -0.68
CA GLY A 235 6.08 8.32 0.13
C GLY A 235 6.21 9.83 0.10
N VAL A 236 5.99 10.47 1.25
CA VAL A 236 5.86 11.92 1.27
C VAL A 236 7.19 12.64 1.53
N LEU A 237 8.23 11.92 1.89
CA LEU A 237 9.58 12.47 1.97
C LEU A 237 10.56 11.33 1.82
N GLU A 238 11.83 11.65 1.58
CA GLU A 238 12.88 10.67 1.32
C GLU A 238 13.95 10.57 2.40
N TYR A 239 14.00 11.57 3.26
CA TYR A 239 15.13 11.76 4.19
C TYR A 239 16.43 11.84 3.41
N ASP A 240 16.42 12.70 2.40
CA ASP A 240 17.50 12.89 1.46
C ASP A 240 18.08 14.29 1.51
N GLY A 241 17.86 15.00 2.61
CA GLY A 241 18.32 16.38 2.74
C GLY A 241 17.47 17.41 2.01
N ARG A 242 16.36 16.97 1.42
N ARG A 242 16.36 16.96 1.42
CA ARG A 242 15.43 17.88 0.74
CA ARG A 242 15.41 17.84 0.71
C ARG A 242 14.03 17.71 1.33
C ARG A 242 14.02 17.73 1.33
N ASP A 243 13.95 17.46 2.64
CA ASP A 243 12.69 17.08 3.23
C ASP A 243 11.58 18.15 3.30
N GLU A 244 11.90 19.39 3.63
N GLU A 244 11.90 19.39 3.63
CA GLU A 244 10.82 20.37 3.72
CA GLU A 244 10.82 20.38 3.70
C GLU A 244 10.20 20.65 2.34
C GLU A 244 10.20 20.64 2.34
N GLN A 245 11.03 20.82 1.32
CA GLN A 245 10.49 21.07 -0.02
C GLN A 245 9.72 19.86 -0.55
N THR A 246 10.25 18.66 -0.28
CA THR A 246 9.61 17.44 -0.75
C THR A 246 8.27 17.25 -0.02
N LEU A 247 8.26 17.47 1.28
N LEU A 247 8.25 17.49 1.27
CA LEU A 247 7.03 17.38 2.05
CA LEU A 247 7.00 17.33 2.01
C LEU A 247 5.98 18.35 1.52
C LEU A 247 5.97 18.37 1.57
N GLU A 248 6.41 19.59 1.27
CA GLU A 248 5.48 20.59 0.74
C GLU A 248 4.84 20.13 -0.59
N GLU A 249 5.69 19.63 -1.49
CA GLU A 249 5.15 19.11 -2.76
C GLU A 249 4.22 17.91 -2.54
N SER A 250 4.62 17.01 -1.66
CA SER A 250 3.81 15.82 -1.38
C SER A 250 2.46 16.18 -0.83
N ILE A 251 2.43 17.16 0.06
CA ILE A 251 1.16 17.64 0.61
C ILE A 251 0.29 18.28 -0.48
N GLU A 252 0.91 19.05 -1.37
CA GLU A 252 0.16 19.56 -2.52
C GLU A 252 -0.45 18.41 -3.36
N LEU A 253 0.36 17.37 -3.59
CA LEU A 253 -0.14 16.24 -4.35
C LEU A 253 -1.29 15.56 -3.59
N ALA A 254 -1.16 15.45 -2.26
CA ALA A 254 -2.24 14.88 -1.47
C ALA A 254 -3.53 15.67 -1.62
N ARG A 255 -3.41 17.00 -1.64
CA ARG A 255 -4.59 17.84 -1.91
C ARG A 255 -5.21 17.52 -3.27
N ARG A 256 -4.37 17.36 -4.29
N ARG A 256 -4.35 17.36 -4.29
CA ARG A 256 -4.90 16.98 -5.62
CA ARG A 256 -4.86 16.97 -5.62
C ARG A 256 -5.50 15.57 -5.62
C ARG A 256 -5.54 15.60 -5.55
N PHE A 257 -4.94 14.66 -4.83
CA PHE A 257 -5.52 13.32 -4.69
C PHE A 257 -6.91 13.42 -4.09
N LYS A 258 -7.02 14.19 -3.01
CA LYS A 258 -8.30 14.37 -2.36
C LYS A 258 -9.33 14.93 -3.35
N ALA A 259 -8.94 15.97 -4.08
CA ALA A 259 -9.84 16.58 -5.05
C ALA A 259 -10.24 15.61 -6.14
N GLY A 260 -9.38 14.63 -6.40
CA GLY A 260 -9.63 13.60 -7.39
C GLY A 260 -10.29 12.35 -6.84
N GLY A 261 -10.86 12.44 -5.65
CA GLY A 261 -11.65 11.34 -5.13
C GLY A 261 -10.96 10.37 -4.21
N LEU A 262 -9.73 10.65 -3.81
CA LEU A 262 -9.07 9.78 -2.85
C LEU A 262 -9.71 9.93 -1.47
N ASP A 263 -10.01 8.80 -0.84
CA ASP A 263 -10.72 8.79 0.44
C ASP A 263 -9.77 8.73 1.65
N LEU A 264 -8.57 8.20 1.47
CA LEU A 264 -7.62 8.05 2.56
C LEU A 264 -6.26 7.86 1.93
N LEU A 265 -5.24 8.41 2.58
CA LEU A 265 -3.86 8.28 2.14
C LEU A 265 -3.04 7.50 3.16
N SER A 266 -2.37 6.44 2.69
CA SER A 266 -1.40 5.74 3.50
C SER A 266 -0.07 6.45 3.33
N VAL A 267 0.38 7.12 4.40
CA VAL A 267 1.54 7.99 4.35
C VAL A 267 2.79 7.17 4.67
N SER A 268 3.76 7.19 3.77
CA SER A 268 4.96 6.42 3.95
C SER A 268 6.20 7.25 3.57
N VAL A 269 7.31 6.56 3.46
CA VAL A 269 8.58 7.13 3.02
C VAL A 269 8.81 6.72 1.56
N GLY A 270 9.57 7.53 0.81
CA GLY A 270 9.71 7.27 -0.62
C GLY A 270 10.56 6.07 -0.99
N PHE A 271 11.67 5.85 -0.30
CA PHE A 271 12.64 4.83 -0.68
C PHE A 271 12.98 4.88 -2.16
N THR A 272 13.07 6.07 -2.71
CA THR A 272 13.28 6.19 -4.14
C THR A 272 14.73 5.96 -4.53
N ILE A 273 15.65 6.34 -3.64
CA ILE A 273 17.09 6.21 -3.84
C ILE A 273 17.71 5.62 -2.58
N PRO A 274 18.91 5.03 -2.70
CA PRO A 274 19.51 4.40 -1.52
C PRO A 274 20.22 5.35 -0.56
N ASP A 275 20.64 6.52 -1.04
CA ASP A 275 21.51 7.35 -0.22
C ASP A 275 20.69 8.31 0.64
N THR A 276 20.15 7.77 1.72
CA THR A 276 19.24 8.51 2.59
C THR A 276 19.59 8.21 4.04
N ASN A 277 18.93 8.92 4.96
CA ASN A 277 19.16 8.76 6.39
CA ASN A 277 19.15 8.77 6.39
C ASN A 277 17.83 8.75 7.12
N ILE A 278 17.16 7.61 7.08
CA ILE A 278 15.83 7.48 7.63
C ILE A 278 15.91 7.25 9.15
N PRO A 279 15.25 8.10 9.94
CA PRO A 279 15.33 8.01 11.40
C PRO A 279 14.35 6.99 11.98
N TRP A 280 14.60 5.72 11.69
CA TRP A 280 13.76 4.63 12.15
C TRP A 280 13.54 4.71 13.65
N GLY A 281 12.29 4.51 14.06
CA GLY A 281 11.96 4.41 15.47
C GLY A 281 10.48 4.13 15.60
N PRO A 282 10.04 3.81 16.81
CA PRO A 282 8.64 3.44 16.99
C PRO A 282 7.72 4.60 16.64
N ALA A 283 6.81 4.38 15.70
CA ALA A 283 5.83 5.39 15.29
C ALA A 283 6.50 6.65 14.75
N PHE A 284 7.69 6.52 14.18
CA PHE A 284 8.43 7.73 13.79
C PHE A 284 7.70 8.55 12.73
N MET A 285 6.82 7.94 11.95
CA MET A 285 6.05 8.66 10.95
C MET A 285 4.82 9.37 11.49
N GLY A 286 4.48 9.17 12.76
CA GLY A 286 3.29 9.81 13.31
C GLY A 286 3.15 11.31 13.04
N PRO A 287 4.21 12.08 13.37
CA PRO A 287 4.09 13.53 13.20
C PRO A 287 3.93 13.97 11.73
N ILE A 288 4.60 13.25 10.84
CA ILE A 288 4.49 13.58 9.42
C ILE A 288 3.11 13.20 8.89
N ALA A 289 2.62 12.03 9.26
CA ALA A 289 1.26 11.64 8.92
C ALA A 289 0.28 12.71 9.42
N GLU A 290 0.46 13.18 10.64
CA GLU A 290 -0.44 14.19 11.18
CA GLU A 290 -0.42 14.20 11.19
C GLU A 290 -0.39 15.48 10.36
N ARG A 291 0.81 15.90 9.97
CA ARG A 291 0.92 17.09 9.14
C ARG A 291 0.20 16.93 7.81
N VAL A 292 0.37 15.78 7.16
CA VAL A 292 -0.34 15.56 5.91
C VAL A 292 -1.86 15.56 6.14
N ARG A 293 -2.31 14.86 7.18
CA ARG A 293 -3.73 14.82 7.54
C ARG A 293 -4.30 16.22 7.70
N ARG A 294 -3.56 17.05 8.43
CA ARG A 294 -4.02 18.39 8.71
C ARG A 294 -3.96 19.32 7.50
N GLU A 295 -2.85 19.29 6.77
CA GLU A 295 -2.63 20.27 5.71
C GLU A 295 -3.30 19.87 4.39
N ALA A 296 -3.60 18.58 4.20
CA ALA A 296 -4.39 18.16 3.04
C ALA A 296 -5.84 17.84 3.40
N LYS A 297 -6.16 17.86 4.70
CA LYS A 297 -7.52 17.59 5.20
CA LYS A 297 -7.52 17.61 5.16
C LYS A 297 -8.05 16.27 4.66
N LEU A 298 -7.24 15.24 4.83
CA LEU A 298 -7.47 13.92 4.29
C LEU A 298 -7.23 12.88 5.37
N PRO A 299 -8.09 11.84 5.48
CA PRO A 299 -7.78 10.78 6.44
C PRO A 299 -6.50 10.09 6.06
N VAL A 300 -5.77 9.60 7.06
CA VAL A 300 -4.51 8.93 6.81
C VAL A 300 -4.34 7.69 7.67
N THR A 301 -3.46 6.82 7.18
CA THR A 301 -2.86 5.80 8.02
C THR A 301 -1.36 5.89 7.85
N SER A 302 -0.63 5.24 8.74
CA SER A 302 0.80 5.07 8.56
C SER A 302 1.23 3.83 9.30
N ALA A 303 2.52 3.51 9.21
CA ALA A 303 3.04 2.28 9.74
C ALA A 303 4.47 2.51 10.22
N TRP A 304 4.98 1.49 10.90
CA TRP A 304 6.35 1.28 11.36
C TRP A 304 6.38 1.44 12.86
N GLY A 305 6.32 0.29 13.52
CA GLY A 305 6.45 0.24 14.96
C GLY A 305 5.19 0.51 15.76
N PHE A 306 4.01 0.40 15.15
CA PHE A 306 2.78 0.65 15.89
C PHE A 306 2.23 -0.63 16.54
N GLY A 307 2.96 -1.74 16.44
CA GLY A 307 2.59 -2.97 17.13
C GLY A 307 2.63 -2.96 18.66
N THR A 308 2.97 -1.82 19.24
CA THR A 308 2.84 -1.64 20.69
C THR A 308 1.47 -1.03 20.91
N PRO A 309 0.54 -1.76 21.56
CA PRO A 309 -0.86 -1.28 21.57
C PRO A 309 -1.05 0.14 22.11
N GLN A 310 -0.31 0.49 23.14
CA GLN A 310 -0.45 1.84 23.71
C GLN A 310 -0.01 2.93 22.76
N LEU A 311 0.94 2.60 21.89
CA LEU A 311 1.44 3.55 20.93
C LEU A 311 0.40 3.77 19.82
N ALA A 312 -0.21 2.68 19.36
CA ALA A 312 -1.32 2.77 18.42
C ALA A 312 -2.46 3.64 18.98
N GLU A 313 -2.81 3.35 20.23
CA GLU A 313 -3.85 4.11 20.92
C GLU A 313 -3.49 5.60 21.01
N ALA A 314 -2.25 5.90 21.41
CA ALA A 314 -1.80 7.30 21.49
C ALA A 314 -1.89 8.01 20.15
N ALA A 315 -1.45 7.34 19.07
CA ALA A 315 -1.49 7.99 17.76
C ALA A 315 -2.93 8.34 17.37
N LEU A 316 -3.86 7.41 17.63
CA LEU A 316 -5.27 7.73 17.34
C LEU A 316 -5.82 8.85 18.21
N GLN A 317 -5.56 8.78 19.50
CA GLN A 317 -6.09 9.81 20.39
C GLN A 317 -5.52 11.21 20.07
N ALA A 318 -4.31 11.27 19.51
CA ALA A 318 -3.68 12.53 19.13
C ALA A 318 -4.14 13.01 17.75
N ASN A 319 -4.99 12.21 17.11
CA ASN A 319 -5.47 12.49 15.76
C ASN A 319 -4.31 12.65 14.80
N GLN A 320 -3.27 11.83 14.99
CA GLN A 320 -2.20 11.71 14.00
C GLN A 320 -2.61 10.87 12.82
N LEU A 321 -3.51 9.91 13.08
CA LEU A 321 -3.92 8.88 12.14
C LEU A 321 -5.39 8.61 12.33
N ASP A 322 -6.04 8.06 11.31
CA ASP A 322 -7.41 7.54 11.41
C ASP A 322 -7.48 6.03 11.57
N LEU A 323 -6.50 5.34 10.98
CA LEU A 323 -6.29 3.91 11.13
C LEU A 323 -4.85 3.68 11.47
N VAL A 324 -4.58 2.66 12.27
CA VAL A 324 -3.21 2.30 12.58
C VAL A 324 -2.85 1.04 11.82
N SER A 325 -1.80 1.11 11.00
CA SER A 325 -1.34 -0.05 10.25
C SER A 325 -0.31 -0.80 11.07
N VAL A 326 -0.54 -2.09 11.25
CA VAL A 326 0.29 -2.96 12.07
C VAL A 326 0.68 -4.18 11.24
N GLY A 327 1.93 -4.22 10.82
CA GLY A 327 2.41 -5.22 9.88
C GLY A 327 3.12 -6.40 10.54
N ARG A 328 4.40 -6.24 10.87
CA ARG A 328 5.19 -7.37 11.36
C ARG A 328 4.64 -8.02 12.63
N ALA A 329 3.99 -7.25 13.50
CA ALA A 329 3.42 -7.86 14.69
C ALA A 329 2.36 -8.91 14.34
N HIS A 330 1.71 -8.74 13.18
CA HIS A 330 0.73 -9.73 12.69
C HIS A 330 1.36 -10.94 12.04
N LEU A 331 2.60 -10.83 11.57
CA LEU A 331 3.35 -12.00 11.14
C LEU A 331 3.76 -12.81 12.37
N ALA A 332 4.21 -12.09 13.40
CA ALA A 332 4.56 -12.76 14.65
C ALA A 332 3.36 -13.43 15.31
N ASP A 333 2.21 -12.75 15.31
CA ASP A 333 1.00 -13.21 16.00
C ASP A 333 -0.21 -12.78 15.18
N PRO A 334 -0.82 -13.71 14.43
CA PRO A 334 -1.96 -13.33 13.59
C PRO A 334 -3.14 -12.82 14.41
N HIS A 335 -3.14 -13.09 15.72
CA HIS A 335 -4.20 -12.63 16.61
C HIS A 335 -3.76 -11.38 17.39
N TRP A 336 -2.86 -10.58 16.81
CA TRP A 336 -2.41 -9.35 17.49
C TRP A 336 -3.57 -8.47 17.96
N ALA A 337 -4.66 -8.39 17.20
CA ALA A 337 -5.76 -7.52 17.63
C ALA A 337 -6.32 -7.95 18.99
N TYR A 338 -6.36 -9.26 19.23
CA TYR A 338 -6.81 -9.77 20.51
C TYR A 338 -5.83 -9.37 21.62
N PHE A 339 -4.55 -9.54 21.34
CA PHE A 339 -3.51 -9.09 22.26
C PHE A 339 -3.67 -7.60 22.59
N ALA A 340 -3.88 -6.79 21.57
CA ALA A 340 -4.05 -5.36 21.77
C ALA A 340 -5.29 -5.04 22.61
N ALA A 341 -6.40 -5.73 22.32
CA ALA A 341 -7.60 -5.57 23.12
C ALA A 341 -7.34 -5.88 24.58
N LYS A 342 -6.64 -6.98 24.86
CA LYS A 342 -6.28 -7.29 26.24
C LYS A 342 -5.42 -6.21 26.85
N GLU A 343 -4.39 -5.80 26.14
CA GLU A 343 -3.45 -4.80 26.65
C GLU A 343 -4.14 -3.50 26.99
N LEU A 344 -5.07 -3.09 26.15
CA LEU A 344 -5.79 -1.83 26.36
C LEU A 344 -6.99 -1.95 27.30
N GLY A 345 -7.25 -3.14 27.82
CA GLY A 345 -8.31 -3.30 28.81
C GLY A 345 -9.72 -3.23 28.24
N VAL A 346 -9.85 -3.56 26.96
CA VAL A 346 -11.15 -3.59 26.30
C VAL A 346 -12.04 -4.67 26.93
N GLU A 347 -13.30 -4.33 27.17
CA GLU A 347 -14.23 -5.29 27.73
C GLU A 347 -14.48 -6.43 26.74
N LYS A 348 -14.58 -7.64 27.27
N LYS A 348 -14.58 -7.64 27.27
CA LYS A 348 -14.77 -8.85 26.47
CA LYS A 348 -14.77 -8.86 26.48
C LYS A 348 -13.74 -8.93 25.35
C LYS A 348 -13.74 -8.94 25.35
N ALA A 349 -12.47 -8.76 25.73
CA ALA A 349 -11.38 -8.71 24.76
C ALA A 349 -11.31 -9.97 23.91
N SER A 350 -11.61 -11.12 24.50
CA SER A 350 -11.45 -12.36 23.76
C SER A 350 -12.43 -12.42 22.58
N TRP A 351 -13.52 -11.67 22.66
CA TRP A 351 -14.48 -11.67 21.55
C TRP A 351 -14.07 -10.75 20.41
N THR A 352 -12.82 -10.26 20.45
CA THR A 352 -12.18 -9.80 19.23
CA THR A 352 -12.13 -9.83 19.26
C THR A 352 -12.01 -10.98 18.26
N LEU A 353 -11.92 -12.20 18.82
CA LEU A 353 -11.79 -13.42 18.03
C LEU A 353 -13.16 -14.08 17.84
N PRO A 354 -13.27 -15.02 16.88
CA PRO A 354 -14.51 -15.74 16.70
C PRO A 354 -14.80 -16.69 17.87
N ALA A 355 -16.06 -17.09 18.02
CA ALA A 355 -16.53 -17.90 19.14
C ALA A 355 -15.69 -19.15 19.48
N PRO A 356 -15.23 -19.93 18.46
CA PRO A 356 -14.48 -21.15 18.79
C PRO A 356 -13.16 -20.87 19.49
N TYR A 357 -12.72 -19.62 19.46
CA TYR A 357 -11.56 -19.19 20.23
C TYR A 357 -12.00 -18.39 21.45
N ALA A 358 -12.87 -17.41 21.21
CA ALA A 358 -13.27 -16.44 22.24
C ALA A 358 -13.86 -17.09 23.47
N HIS A 359 -14.68 -18.12 23.26
CA HIS A 359 -15.36 -18.72 24.41
C HIS A 359 -14.38 -19.23 25.47
N TRP A 360 -13.25 -19.74 25.01
CA TRP A 360 -12.29 -20.41 25.87
C TRP A 360 -11.27 -19.48 26.48
N LEU A 361 -11.19 -18.27 25.94
CA LEU A 361 -10.18 -17.33 26.34
C LEU A 361 -10.75 -16.24 27.21
N GLU A 362 -12.07 -16.25 27.43
CA GLU A 362 -12.70 -15.29 28.33
C GLU A 362 -11.99 -15.35 29.67
N1 FMN B . 4.43 -2.24 1.96
C2 FMN B . 3.61 -2.07 0.91
O2 FMN B . 3.21 -0.91 0.58
N3 FMN B . 3.39 -3.12 0.04
C4 FMN B . 3.67 -4.39 0.34
O4 FMN B . 3.31 -5.33 -0.35
C4A FMN B . 4.74 -4.54 1.35
N5 FMN B . 5.29 -5.77 1.56
C5A FMN B . 5.85 -5.99 2.80
C6 FMN B . 6.19 -7.31 3.15
C7 FMN B . 6.61 -7.61 4.45
C7M FMN B . 6.73 -9.01 4.86
C8 FMN B . 6.80 -6.55 5.38
C8M FMN B . 7.30 -6.82 6.78
C9 FMN B . 6.66 -5.23 4.94
C9A FMN B . 6.04 -4.95 3.70
N10 FMN B . 5.65 -3.66 3.38
C10 FMN B . 4.95 -3.48 2.20
C1' FMN B . 5.63 -2.56 4.39
C2' FMN B . 4.53 -2.79 5.42
O2' FMN B . 3.24 -2.55 4.86
C3' FMN B . 4.70 -1.87 6.64
O3' FMN B . 4.66 -0.50 6.21
C4' FMN B . 6.00 -2.08 7.41
O4' FMN B . 6.18 -3.47 7.73
C5' FMN B . 6.05 -1.27 8.71
O5' FMN B . 5.03 -1.63 9.65
P FMN B . 5.39 -2.58 10.92
O1P FMN B . 5.84 -3.90 10.32
O2P FMN B . 6.49 -1.92 11.70
O3P FMN B . 4.07 -2.67 11.62
HN3 FMN B . 2.97 -2.90 -0.90
H6 FMN B . 6.13 -8.11 2.42
HM71 FMN B . 5.84 -9.30 5.37
HM72 FMN B . 7.55 -9.11 5.52
HM73 FMN B . 6.87 -9.63 4.02
HM81 FMN B . 8.19 -7.39 6.73
HM82 FMN B . 7.50 -5.90 7.27
HM83 FMN B . 6.56 -7.36 7.31
H9 FMN B . 7.04 -4.42 5.55
H1'1 FMN B . 5.48 -1.60 3.89
H1'2 FMN B . 6.60 -2.52 4.90
H2' FMN B . 4.59 -3.83 5.76
HO2' FMN B . 3.13 -3.06 4.06
H3' FMN B . 3.86 -2.06 7.33
HO3' FMN B . 3.88 -0.35 5.66
H4' FMN B . 6.84 -1.75 6.76
HO4' FMN B . 6.06 -4.00 6.93
H5'1 FMN B . 5.94 -0.21 8.46
H5'2 FMN B . 7.02 -1.39 9.17
S SO4 C . -11.77 -10.96 28.47
O1 SO4 C . -13.04 -11.54 28.90
O2 SO4 C . -11.40 -11.44 27.15
O3 SO4 C . -11.90 -9.50 28.52
O4 SO4 C . -10.74 -11.35 29.43
S SO4 D . 11.19 -19.19 -8.68
O1 SO4 D . 11.94 -20.45 -8.62
O2 SO4 D . 10.94 -18.87 -10.08
O3 SO4 D . 11.97 -18.13 -8.04
O4 SO4 D . 9.93 -19.36 -7.96
#